data_7DFY
#
_entry.id   7DFY
#
_cell.length_a   28.405
_cell.length_b   31.601
_cell.length_c   77.764
_cell.angle_alpha   90.000
_cell.angle_beta   98.070
_cell.angle_gamma   90.000
#
_symmetry.space_group_name_H-M   'P 1 21 1'
#
loop_
_entity.id
_entity.type
_entity.pdbx_description
1 polymer 2xMotif2
2 non-polymer 'POTASSIUM ION'
3 non-polymer 'STRONTIUM ION'
4 non-polymer (4S)-2-METHYL-2,4-PENTANEDIOL
5 water water
#
_entity_poly.entity_id   1
_entity_poly.type   'polydeoxyribonucleotide'
_entity_poly.pdbx_seq_one_letter_code
;(DG)(DG)(DT)(DG)(DG)(DT)(DG)(DG)(DT)(DG)(DT)(DG)(DT)(DT)(DG)(DG)(DT)(DG)(DG)(DT)
(DG)(DG)(DT)(DG)(DT)(DG)
;
_entity_poly.pdbx_strand_id   A,B
#
loop_
_chem_comp.id
_chem_comp.type
_chem_comp.name
_chem_comp.formula
DG DNA linking 2'-DEOXYGUANOSINE-5'-MONOPHOSPHATE 'C10 H14 N5 O7 P'
DT DNA linking THYMIDINE-5'-MONOPHOSPHATE 'C10 H15 N2 O8 P'
K non-polymer 'POTASSIUM ION' 'K 1'
MPD non-polymer (4S)-2-METHYL-2,4-PENTANEDIOL 'C6 H14 O2'
SR non-polymer 'STRONTIUM ION' 'Sr 2'
#
# COMPACT_ATOMS: atom_id res chain seq x y z
K K C . -0.12 -3.82 0.15
K K D . 1.55 -9.10 4.20
K K E . 0.71 -6.45 2.26
K K F . -0.84 -0.94 -1.94
K K G . 2.35 -12.21 6.54
K K H . 5.37 0.26 14.90
SR SR I . -6.11 -16.04 4.73
SR SR J . -11.17 -15.71 -8.65
SR SR K . 7.22 -11.80 10.36
SR SR K . 7.80 -10.42 11.44
SR SR L . 14.47 0.10 -2.82
SR SR M . 13.81 1.70 5.21
SR SR N . -13.49 -14.47 3.35
SR SR O . -1.31 5.49 1.21
SR SR P . -6.58 3.61 11.32
C1 MPD Q . 2.98 1.92 -5.63
C2 MPD Q . 4.04 1.43 -6.60
O2 MPD Q . 4.87 0.50 -5.90
CM MPD Q . 3.42 0.71 -7.79
C3 MPD Q . 4.89 2.58 -7.16
C4 MPD Q . 6.15 2.92 -6.35
O4 MPD Q . 6.19 2.15 -5.18
C5 MPD Q . 7.46 2.73 -7.12
K K R . -4.90 16.29 -4.71
K K S . -11.55 14.19 -4.47
K K T . -8.31 15.15 -4.64
K K U . -15.65 10.42 -4.01
K K V . -9.04 10.69 8.84
SR SR W . -4.21 8.14 -1.54
#